data_2R58
#
_entry.id   2R58
#
_cell.length_a   83.120
_cell.length_b   83.120
_cell.length_c   75.768
_cell.angle_alpha   90.00
_cell.angle_beta   90.00
_cell.angle_gamma   90.00
#
_symmetry.space_group_name_H-M   'P 43 21 2'
#
loop_
_entity.id
_entity.type
_entity.pdbx_description
1 polymer 'Polycomb protein Scm'
2 non-polymer N-DIMETHYL-LYSINE
3 water water
#
_entity_poly.entity_id   1
_entity_poly.type   'polypeptide(L)'
_entity_poly.pdbx_seq_one_letter_code
;GAMAFDWDAYLEETGSEAAPAKCFKQAQNPPNNDFKIGMKLEALDPRNVTSTCIATVVGVLGSRLRLRLDGSDSQNDFWR
LVDSTEIHAIGHCEKNGGMLQPPLGFCMNASSWPGYLCKILNNAMVAPEEIFQPEPPEPEENLFKVGQKLEAVDKKNPQL
ICCATVDAIKDDQIHVTFDGWRGAFDYWCNYRSRDIFPAGWCARSCHPMQPPGHKSRMDSSSSKQRCPRPRYTVVAESEA
MVPASPATAHFHPNCKGGPFINNSK
;
_entity_poly.pdbx_strand_id   A
#
# COMPACT_ATOMS: atom_id res chain seq x y z
N ALA A 4 0.63 -7.57 19.56
CA ALA A 4 0.28 -8.62 18.61
C ALA A 4 -1.15 -9.13 18.88
N PHE A 5 -2.01 -9.00 17.87
CA PHE A 5 -3.42 -9.36 17.97
C PHE A 5 -3.61 -10.87 17.93
N ASP A 6 -4.36 -11.38 18.91
CA ASP A 6 -4.59 -12.82 19.03
C ASP A 6 -5.67 -13.27 18.06
N TRP A 7 -5.26 -13.51 16.82
CA TRP A 7 -6.15 -13.98 15.77
C TRP A 7 -6.81 -15.32 16.10
N ASP A 8 -6.04 -16.24 16.68
CA ASP A 8 -6.53 -17.60 16.98
C ASP A 8 -7.66 -17.61 17.99
N ALA A 9 -7.53 -16.79 19.03
CA ALA A 9 -8.60 -16.62 20.03
C ALA A 9 -9.79 -15.90 19.40
N TYR A 10 -9.51 -14.91 18.55
CA TYR A 10 -10.56 -14.15 17.89
C TYR A 10 -11.40 -14.98 16.93
N LEU A 11 -10.74 -15.80 16.10
CA LEU A 11 -11.42 -16.68 15.16
C LEU A 11 -12.25 -17.77 15.85
N GLU A 12 -11.77 -18.24 17.00
CA GLU A 12 -12.52 -19.21 17.78
C GLU A 12 -13.78 -18.62 18.38
N GLU A 13 -13.70 -17.36 18.85
CA GLU A 13 -14.85 -16.76 19.55
C GLU A 13 -15.93 -16.22 18.63
N THR A 14 -15.52 -15.91 17.40
CA THR A 14 -16.44 -15.44 16.38
C THR A 14 -16.89 -16.60 15.49
N GLY A 15 -16.42 -17.81 15.79
CA GLY A 15 -16.69 -19.00 14.98
C GLY A 15 -16.38 -18.77 13.52
N SER A 16 -15.20 -18.20 13.25
CA SER A 16 -14.81 -17.79 11.92
C SER A 16 -13.49 -18.41 11.44
N GLU A 17 -13.31 -18.39 10.12
CA GLU A 17 -12.06 -18.78 9.46
C GLU A 17 -11.38 -17.53 8.93
N ALA A 18 -10.06 -17.53 8.91
CA ALA A 18 -9.29 -16.51 8.20
C ALA A 18 -9.17 -16.95 6.75
N ALA A 19 -9.18 -16.00 5.82
CA ALA A 19 -8.96 -16.34 4.41
C ALA A 19 -7.54 -16.91 4.27
N PRO A 20 -7.39 -18.06 3.60
CA PRO A 20 -6.07 -18.65 3.41
C PRO A 20 -5.14 -17.74 2.63
N ALA A 21 -3.84 -17.85 2.89
CA ALA A 21 -2.81 -17.04 2.22
C ALA A 21 -2.88 -17.11 0.69
N LYS A 22 -3.35 -18.23 0.14
CA LYS A 22 -3.48 -18.37 -1.32
C LYS A 22 -4.45 -17.39 -1.99
N CYS A 23 -5.36 -16.79 -1.22
CA CYS A 23 -6.32 -15.81 -1.74
C CYS A 23 -5.67 -14.47 -2.12
N PHE A 24 -4.51 -14.18 -1.53
CA PHE A 24 -3.92 -12.84 -1.54
C PHE A 24 -2.77 -12.69 -2.52
N LYS A 25 -2.73 -11.55 -3.20
CA LYS A 25 -1.52 -11.12 -3.89
C LYS A 25 -0.60 -10.47 -2.84
N GLN A 26 0.02 -11.32 -2.03
CA GLN A 26 1.05 -10.91 -1.08
C GLN A 26 2.07 -12.02 -1.05
N ALA A 27 3.31 -11.68 -0.72
CA ALA A 27 4.37 -12.68 -0.60
C ALA A 27 4.10 -13.58 0.61
N GLN A 28 4.59 -14.82 0.57
CA GLN A 28 4.38 -15.76 1.67
C GLN A 28 4.93 -15.22 2.98
N ASN A 29 6.11 -14.61 2.89
CA ASN A 29 6.73 -13.92 4.01
C ASN A 29 6.79 -12.43 3.70
N PRO A 30 6.52 -11.58 4.69
CA PRO A 30 6.55 -10.14 4.41
C PRO A 30 7.93 -9.70 3.91
N PRO A 31 7.97 -8.92 2.81
CA PRO A 31 9.27 -8.54 2.23
C PRO A 31 10.05 -7.57 3.12
N ASN A 32 11.37 -7.75 3.16
CA ASN A 32 12.24 -6.90 3.98
C ASN A 32 12.19 -5.47 3.49
N ASN A 33 12.09 -4.55 4.43
CA ASN A 33 12.05 -3.13 4.10
C ASN A 33 13.38 -2.49 4.47
N ASP A 34 14.16 -2.18 3.45
CA ASP A 34 15.48 -1.56 3.64
C ASP A 34 15.50 -0.10 3.22
N PHE A 35 14.33 0.48 2.98
CA PHE A 35 14.23 1.89 2.64
C PHE A 35 14.51 2.75 3.86
N LYS A 36 15.04 3.95 3.62
CA LYS A 36 15.31 4.90 4.68
C LYS A 36 14.56 6.21 4.42
N ILE A 37 14.20 6.91 5.49
CA ILE A 37 13.48 8.17 5.37
C ILE A 37 14.39 9.15 4.63
N GLY A 38 13.86 9.79 3.60
CA GLY A 38 14.62 10.73 2.79
C GLY A 38 14.96 10.21 1.40
N MET A 39 14.93 8.89 1.23
CA MET A 39 15.22 8.27 -0.06
C MET A 39 14.16 8.70 -1.06
N LYS A 40 14.61 9.05 -2.27
CA LYS A 40 13.71 9.44 -3.35
C LYS A 40 13.54 8.26 -4.30
N LEU A 41 12.37 8.19 -4.90
CA LEU A 41 12.05 7.15 -5.88
C LEU A 41 11.00 7.69 -6.85
N GLU A 42 10.56 6.83 -7.77
CA GLU A 42 9.49 7.17 -8.69
C GLU A 42 8.22 6.42 -8.33
N ALA A 43 7.10 7.15 -8.32
CA ALA A 43 5.81 6.60 -7.95
C ALA A 43 4.71 7.16 -8.84
N LEU A 44 3.69 6.35 -9.11
CA LEU A 44 2.48 6.85 -9.77
C LEU A 44 1.80 7.80 -8.83
N ASP A 45 1.44 8.98 -9.33
CA ASP A 45 0.68 9.98 -8.56
C ASP A 45 -0.74 9.46 -8.28
N PRO A 46 -1.11 9.25 -6.99
CA PRO A 46 -2.48 8.75 -6.73
C PRO A 46 -3.56 9.71 -7.24
N ARG A 47 -3.28 11.00 -7.28
CA ARG A 47 -4.24 12.00 -7.77
C ARG A 47 -4.26 12.12 -9.32
N ASN A 48 -3.28 11.50 -9.98
CA ASN A 48 -3.35 11.24 -11.44
C ASN A 48 -2.45 10.08 -11.83
N VAL A 49 -3.02 8.89 -11.89
CA VAL A 49 -2.26 7.65 -12.05
C VAL A 49 -1.59 7.46 -13.41
N THR A 50 -1.82 8.40 -14.33
CA THR A 50 -1.10 8.38 -15.60
C THR A 50 0.30 8.92 -15.42
N SER A 51 0.51 9.71 -14.37
CA SER A 51 1.78 10.39 -14.09
C SER A 51 2.71 9.58 -13.20
N THR A 52 3.98 9.47 -13.62
CA THR A 52 5.06 9.05 -12.73
C THR A 52 5.77 10.28 -12.18
N CYS A 53 5.88 10.34 -10.86
CA CYS A 53 6.42 11.49 -10.14
C CYS A 53 7.52 11.08 -9.18
N ILE A 54 8.33 12.06 -8.79
CA ILE A 54 9.34 11.87 -7.75
C ILE A 54 8.64 11.89 -6.39
N ALA A 55 8.89 10.86 -5.59
CA ALA A 55 8.35 10.73 -4.24
C ALA A 55 9.50 10.53 -3.28
N THR A 56 9.31 10.98 -2.04
CA THR A 56 10.28 10.77 -0.97
C THR A 56 9.65 9.90 0.12
N VAL A 57 10.45 8.99 0.66
CA VAL A 57 10.05 8.20 1.80
C VAL A 57 10.03 9.14 3.02
N VAL A 58 8.83 9.38 3.56
CA VAL A 58 8.71 10.23 4.75
C VAL A 58 8.39 9.39 6.00
N GLY A 59 8.19 8.09 5.81
CA GLY A 59 7.97 7.18 6.92
C GLY A 59 8.09 5.74 6.45
N VAL A 60 8.35 4.84 7.39
CA VAL A 60 8.46 3.41 7.10
C VAL A 60 7.68 2.71 8.20
N LEU A 61 6.91 1.69 7.86
CA LEU A 61 6.21 0.91 8.86
C LEU A 61 6.04 -0.51 8.35
N GLY A 62 6.66 -1.47 9.03
CA GLY A 62 6.66 -2.85 8.54
C GLY A 62 7.23 -2.89 7.13
N SER A 63 6.52 -3.56 6.23
CA SER A 63 6.94 -3.66 4.84
C SER A 63 6.41 -2.51 3.99
N ARG A 64 5.92 -1.45 4.63
CA ARG A 64 5.33 -0.33 3.89
C ARG A 64 6.14 0.95 3.95
N LEU A 65 5.92 1.81 2.96
CA LEU A 65 6.53 3.13 2.88
C LEU A 65 5.43 4.17 2.89
N ARG A 66 5.61 5.20 3.71
CA ARG A 66 4.78 6.39 3.60
C ARG A 66 5.49 7.35 2.64
N LEU A 67 4.79 7.75 1.58
CA LEU A 67 5.38 8.51 0.49
C LEU A 67 4.73 9.87 0.33
N ARG A 68 5.54 10.85 -0.07
CA ARG A 68 5.04 12.18 -0.31
C ARG A 68 5.67 12.67 -1.61
N LEU A 69 4.87 13.26 -2.50
CA LEU A 69 5.45 13.74 -3.77
C LEU A 69 6.17 15.06 -3.60
N ASP A 70 7.44 15.08 -4.01
CA ASP A 70 8.24 16.28 -3.96
C ASP A 70 7.53 17.43 -4.68
N GLY A 71 7.54 18.58 -4.04
CA GLY A 71 6.94 19.78 -4.62
C GLY A 71 5.44 19.87 -4.48
N SER A 72 4.84 18.98 -3.70
CA SER A 72 3.39 19.02 -3.53
C SER A 72 3.01 19.57 -2.15
N ASP A 73 2.30 18.79 -1.36
CA ASP A 73 1.86 19.23 -0.03
C ASP A 73 2.01 18.08 0.94
N SER A 74 1.80 18.36 2.23
CA SER A 74 1.97 17.35 3.28
C SER A 74 0.65 16.65 3.64
N GLN A 75 -0.41 16.92 2.88
CA GLN A 75 -1.75 16.46 3.23
C GLN A 75 -2.26 15.28 2.40
N ASN A 76 -1.43 14.76 1.50
CA ASN A 76 -1.86 13.71 0.59
C ASN A 76 -0.87 12.57 0.54
N ASP A 77 -0.26 12.25 1.67
CA ASP A 77 0.76 11.20 1.70
C ASP A 77 0.08 9.89 1.39
N PHE A 78 0.82 8.93 0.86
CA PHE A 78 0.23 7.66 0.52
C PHE A 78 1.17 6.52 0.87
N TRP A 79 0.60 5.32 1.02
CA TRP A 79 1.35 4.17 1.52
C TRP A 79 1.45 3.09 0.47
N ARG A 80 2.66 2.64 0.22
CA ARG A 80 2.93 1.55 -0.72
C ARG A 80 3.85 0.50 -0.08
N LEU A 81 3.60 -0.78 -0.38
CA LEU A 81 4.51 -1.85 -0.01
C LEU A 81 5.80 -1.77 -0.82
N VAL A 82 6.88 -2.28 -0.23
CA VAL A 82 8.20 -2.25 -0.89
C VAL A 82 8.23 -3.13 -2.13
N ASP A 83 7.24 -4.02 -2.27
CA ASP A 83 7.05 -4.85 -3.47
C ASP A 83 5.89 -4.39 -4.38
N SER A 84 5.41 -3.16 -4.18
CA SER A 84 4.42 -2.53 -5.07
C SER A 84 4.99 -2.33 -6.47
N THR A 85 4.20 -2.62 -7.50
CA THR A 85 4.57 -2.34 -8.90
C THR A 85 4.37 -0.87 -9.29
N GLU A 86 3.91 -0.04 -8.37
CA GLU A 86 3.69 1.38 -8.66
C GLU A 86 4.83 2.29 -8.21
N ILE A 87 5.91 1.68 -7.69
CA ILE A 87 7.12 2.40 -7.27
C ILE A 87 8.32 1.76 -7.95
N HIS A 88 9.29 2.59 -8.33
CA HIS A 88 10.51 2.13 -9.01
C HIS A 88 11.67 3.06 -8.63
N ALA A 89 12.89 2.61 -8.90
CA ALA A 89 14.09 3.41 -8.71
C ALA A 89 14.08 4.58 -9.67
N ILE A 90 14.69 5.70 -9.27
CA ILE A 90 14.86 6.81 -10.18
C ILE A 90 15.60 6.37 -11.46
N GLY A 91 15.07 6.82 -12.62
CA GLY A 91 15.59 6.42 -13.92
C GLY A 91 14.74 5.34 -14.62
N HIS A 92 13.85 4.69 -13.87
CA HIS A 92 13.01 3.64 -14.45
C HIS A 92 12.10 4.18 -15.56
N CYS A 93 11.42 5.29 -15.27
CA CYS A 93 10.49 5.94 -16.19
C CYS A 93 11.13 6.25 -17.54
N GLU A 94 12.30 6.93 -17.50
CA GLU A 94 13.09 7.29 -18.68
C GLU A 94 13.56 6.07 -19.48
N LYS A 95 14.16 5.10 -18.78
CA LYS A 95 14.57 3.82 -19.37
C LYS A 95 13.44 3.19 -20.19
N ASN A 96 12.21 3.39 -19.72
CA ASN A 96 11.06 2.79 -20.38
C ASN A 96 10.34 3.69 -21.40
N GLY A 97 10.97 4.80 -21.77
CA GLY A 97 10.46 5.70 -22.80
C GLY A 97 9.53 6.80 -22.30
N GLY A 98 9.45 6.95 -20.98
CA GLY A 98 8.53 7.91 -20.37
C GLY A 98 9.23 9.17 -19.90
N MET A 99 8.44 10.09 -19.36
CA MET A 99 8.93 11.37 -18.83
C MET A 99 8.32 11.59 -17.45
N LEU A 100 9.16 11.95 -16.48
CA LEU A 100 8.66 12.31 -15.14
C LEU A 100 7.77 13.55 -15.24
N GLN A 101 6.73 13.57 -14.42
CA GLN A 101 5.75 14.66 -14.42
C GLN A 101 5.71 15.38 -13.10
N PRO A 102 5.29 16.66 -13.11
CA PRO A 102 4.93 17.33 -11.87
C PRO A 102 3.75 16.67 -11.18
N PRO A 103 3.74 16.71 -9.84
CA PRO A 103 2.59 16.14 -9.14
C PRO A 103 1.35 17.00 -9.38
N LEU A 104 0.16 16.41 -9.31
CA LEU A 104 -1.07 17.20 -9.44
C LEU A 104 -1.10 18.37 -8.48
N GLY A 105 -0.56 18.17 -7.27
CA GLY A 105 -0.58 19.18 -6.23
C GLY A 105 0.66 20.06 -6.21
N PHE A 106 1.37 20.13 -7.34
CA PHE A 106 2.59 20.94 -7.48
C PHE A 106 2.40 22.39 -7.02
N CYS A 107 3.30 22.86 -6.15
CA CYS A 107 3.18 24.15 -5.47
C CYS A 107 3.65 25.36 -6.29
N MET A 108 4.26 25.09 -7.44
CA MET A 108 4.72 26.13 -8.36
C MET A 108 3.98 26.02 -9.69
N ASN A 109 4.21 26.98 -10.59
CA ASN A 109 3.60 26.89 -11.92
C ASN A 109 4.36 25.91 -12.83
N ALA A 110 3.65 25.38 -13.82
CA ALA A 110 4.14 24.28 -14.66
C ALA A 110 5.44 24.57 -15.41
N SER A 111 5.61 25.81 -15.88
CA SER A 111 6.84 26.20 -16.59
C SER A 111 8.06 26.21 -15.67
N SER A 112 7.81 26.12 -14.36
CA SER A 112 8.87 25.96 -13.37
C SER A 112 9.21 24.50 -13.10
N TRP A 113 8.56 23.57 -13.82
CA TRP A 113 8.80 22.14 -13.55
C TRP A 113 10.20 21.62 -13.96
N PRO A 114 10.62 21.78 -15.24
CA PRO A 114 11.91 21.18 -15.62
C PRO A 114 13.08 21.57 -14.71
N GLY A 115 13.16 22.86 -14.37
CA GLY A 115 14.17 23.35 -13.43
C GLY A 115 14.04 22.78 -12.03
N TYR A 116 12.80 22.64 -11.56
CA TYR A 116 12.51 22.06 -10.25
C TYR A 116 13.09 20.65 -10.08
N LEU A 117 12.84 19.80 -11.08
CA LEU A 117 13.28 18.40 -11.06
C LEU A 117 14.80 18.30 -10.93
N CYS A 118 15.51 19.12 -11.70
CA CYS A 118 16.96 19.22 -11.61
C CYS A 118 17.41 19.54 -10.20
N LYS A 119 16.76 20.53 -9.59
CA LYS A 119 17.09 20.98 -8.24
C LYS A 119 16.91 19.91 -7.17
N ILE A 120 15.77 19.21 -7.18
CA ILE A 120 15.49 18.21 -6.15
C ILE A 120 16.35 16.96 -6.31
N LEU A 121 16.74 16.65 -7.55
CA LEU A 121 17.52 15.44 -7.83
C LEU A 121 19.03 15.63 -7.63
N ASN A 122 19.46 16.88 -7.48
CA ASN A 122 20.87 17.21 -7.26
C ASN A 122 21.38 16.77 -5.88
N ASN A 123 22.35 15.85 -5.91
CA ASN A 123 22.87 15.17 -4.71
C ASN A 123 21.77 14.59 -3.81
N ALA A 124 20.70 14.10 -4.43
CA ALA A 124 19.57 13.50 -3.73
C ALA A 124 19.92 12.14 -3.14
N MET A 125 19.32 11.83 -2.00
CA MET A 125 19.36 10.48 -1.45
C MET A 125 18.40 9.64 -2.29
N VAL A 126 18.92 8.65 -3.01
CA VAL A 126 18.07 7.86 -3.88
C VAL A 126 18.01 6.41 -3.42
N ALA A 127 16.82 5.83 -3.48
CA ALA A 127 16.66 4.40 -3.19
C ALA A 127 17.32 3.60 -4.32
N PRO A 128 18.29 2.72 -3.97
CA PRO A 128 18.89 1.88 -5.00
C PRO A 128 17.92 0.80 -5.48
N GLU A 129 18.05 0.41 -6.75
CA GLU A 129 17.10 -0.52 -7.38
C GLU A 129 17.02 -1.87 -6.66
N GLU A 130 18.12 -2.28 -6.02
CA GLU A 130 18.18 -3.59 -5.34
C GLU A 130 17.29 -3.74 -4.10
N ILE A 131 16.89 -2.63 -3.49
CA ILE A 131 16.01 -2.74 -2.29
C ILE A 131 14.50 -2.75 -2.61
N PHE A 132 14.17 -2.58 -3.89
CA PHE A 132 12.79 -2.76 -4.36
C PHE A 132 12.54 -4.26 -4.49
N GLN A 133 11.45 -4.74 -3.91
CA GLN A 133 11.21 -6.17 -3.83
C GLN A 133 10.33 -6.69 -4.98
N PRO A 134 10.54 -7.96 -5.40
CA PRO A 134 9.79 -8.54 -6.51
C PRO A 134 8.29 -8.60 -6.26
N GLU A 135 7.51 -8.44 -7.33
CA GLU A 135 6.06 -8.46 -7.26
C GLU A 135 5.57 -9.87 -6.89
N PRO A 136 4.74 -9.98 -5.83
CA PRO A 136 4.26 -11.33 -5.44
C PRO A 136 3.41 -11.99 -6.53
N PRO A 137 3.43 -13.33 -6.58
CA PRO A 137 2.53 -14.01 -7.51
C PRO A 137 1.09 -13.64 -7.19
N GLU A 138 0.24 -13.60 -8.20
CA GLU A 138 -1.18 -13.40 -7.95
C GLU A 138 -2.00 -14.68 -8.12
N PRO A 139 -3.07 -14.83 -7.31
CA PRO A 139 -4.04 -15.90 -7.51
C PRO A 139 -4.66 -15.81 -8.90
N GLU A 140 -4.92 -16.97 -9.52
CA GLU A 140 -5.52 -17.04 -10.85
C GLU A 140 -7.01 -16.66 -10.84
N GLU A 141 -7.64 -16.78 -9.68
CA GLU A 141 -9.05 -16.39 -9.50
C GLU A 141 -9.36 -15.92 -8.09
N ASN A 142 -10.58 -15.42 -7.90
CA ASN A 142 -11.05 -14.97 -6.61
C ASN A 142 -11.36 -16.19 -5.75
N LEU A 143 -10.53 -16.43 -4.72
CA LEU A 143 -10.64 -17.63 -3.88
C LEU A 143 -11.24 -17.31 -2.52
N PHE A 144 -11.48 -16.02 -2.27
CA PHE A 144 -12.10 -15.58 -1.02
C PHE A 144 -13.50 -16.15 -0.95
N LYS A 145 -13.99 -16.34 0.28
CA LYS A 145 -15.35 -16.78 0.52
C LYS A 145 -15.99 -15.88 1.58
N VAL A 146 -17.28 -15.60 1.42
CA VAL A 146 -18.05 -14.81 2.37
C VAL A 146 -17.89 -15.33 3.80
N GLY A 147 -17.64 -14.42 4.74
CA GLY A 147 -17.45 -14.76 6.15
C GLY A 147 -16.00 -14.82 6.60
N GLN A 148 -15.07 -14.95 5.65
CA GLN A 148 -13.63 -15.06 5.97
C GLN A 148 -13.05 -13.77 6.50
N LYS A 149 -12.15 -13.89 7.48
CA LYS A 149 -11.49 -12.73 8.07
C LYS A 149 -10.09 -12.50 7.50
N LEU A 150 -9.61 -11.27 7.59
CA LEU A 150 -8.32 -10.85 7.04
C LEU A 150 -7.87 -9.55 7.67
N GLU A 151 -6.70 -9.08 7.28
CA GLU A 151 -6.19 -7.76 7.67
C GLU A 151 -6.28 -6.83 6.47
N ALA A 152 -6.89 -5.66 6.69
CA ALA A 152 -7.13 -4.72 5.59
C ALA A 152 -6.73 -3.30 5.97
N VAL A 153 -6.14 -2.59 5.02
CA VAL A 153 -5.89 -1.16 5.17
C VAL A 153 -7.20 -0.38 5.27
N ASP A 154 -7.29 0.52 6.25
CA ASP A 154 -8.41 1.44 6.30
C ASP A 154 -8.09 2.52 5.29
N LYS A 155 -8.76 2.49 4.13
CA LYS A 155 -8.46 3.44 3.05
C LYS A 155 -8.73 4.91 3.39
N LYS A 156 -9.55 5.15 4.42
CA LYS A 156 -9.80 6.49 4.93
C LYS A 156 -8.74 6.93 5.97
N ASN A 157 -7.97 5.98 6.47
CA ASN A 157 -6.90 6.23 7.44
C ASN A 157 -5.77 5.24 7.15
N PRO A 158 -5.12 5.36 5.97
CA PRO A 158 -4.31 4.25 5.45
C PRO A 158 -3.05 3.86 6.25
N GLN A 159 -2.71 4.61 7.29
CA GLN A 159 -1.63 4.19 8.19
C GLN A 159 -2.07 2.91 8.92
N LEU A 160 -3.39 2.75 9.06
CA LEU A 160 -3.98 1.65 9.82
C LEU A 160 -4.32 0.41 8.99
N ILE A 161 -3.91 -0.75 9.50
CA ILE A 161 -4.35 -2.04 8.96
C ILE A 161 -5.10 -2.73 10.07
N CYS A 162 -6.32 -3.17 9.76
CA CYS A 162 -7.29 -3.55 10.77
C CYS A 162 -7.93 -4.90 10.54
N CYS A 163 -8.46 -5.45 11.62
CA CYS A 163 -9.31 -6.61 11.59
C CYS A 163 -10.51 -6.40 10.64
N ALA A 164 -10.68 -7.30 9.67
CA ALA A 164 -11.73 -7.14 8.69
C ALA A 164 -12.36 -8.48 8.25
N THR A 165 -13.55 -8.38 7.65
CA THR A 165 -14.30 -9.56 7.20
C THR A 165 -14.80 -9.34 5.77
N VAL A 166 -14.76 -10.40 4.97
CA VAL A 166 -15.39 -10.39 3.65
C VAL A 166 -16.91 -10.59 3.79
N ASP A 167 -17.63 -9.50 3.49
CA ASP A 167 -19.08 -9.39 3.65
C ASP A 167 -19.84 -10.04 2.50
N ALA A 168 -19.28 -9.89 1.30
CA ALA A 168 -19.96 -10.24 0.06
C ALA A 168 -18.93 -10.38 -1.06
N ILE A 169 -19.29 -11.12 -2.10
CA ILE A 169 -18.40 -11.33 -3.25
C ILE A 169 -19.20 -11.20 -4.53
N LYS A 170 -18.65 -10.45 -5.49
CA LYS A 170 -19.20 -10.28 -6.83
C LYS A 170 -18.07 -10.46 -7.84
N ASP A 171 -17.99 -11.64 -8.44
CA ASP A 171 -16.95 -11.98 -9.42
C ASP A 171 -15.51 -11.78 -8.85
N ASP A 172 -14.78 -10.80 -9.37
CA ASP A 172 -13.42 -10.54 -8.89
C ASP A 172 -13.32 -9.53 -7.74
N GLN A 173 -14.46 -9.01 -7.31
CA GLN A 173 -14.50 -7.99 -6.26
C GLN A 173 -14.97 -8.58 -4.93
N ILE A 174 -14.25 -8.24 -3.87
CA ILE A 174 -14.65 -8.61 -2.51
C ILE A 174 -15.10 -7.39 -1.72
N HIS A 175 -16.07 -7.56 -0.83
CA HIS A 175 -16.52 -6.47 0.01
C HIS A 175 -15.94 -6.58 1.41
N VAL A 176 -15.10 -5.61 1.75
CA VAL A 176 -14.35 -5.59 2.99
C VAL A 176 -15.09 -4.74 4.02
N THR A 177 -15.35 -5.32 5.19
CA THR A 177 -15.97 -4.61 6.30
C THR A 177 -15.09 -4.70 7.53
N PHE A 178 -15.07 -3.63 8.32
CA PHE A 178 -14.19 -3.56 9.48
C PHE A 178 -14.91 -3.91 10.77
N ASP A 179 -14.48 -5.00 11.39
CA ASP A 179 -15.14 -5.54 12.59
C ASP A 179 -15.18 -4.45 13.66
N GLY A 180 -16.37 -4.20 14.19
CA GLY A 180 -16.57 -3.23 15.26
C GLY A 180 -16.71 -1.79 14.81
N TRP A 181 -16.72 -1.57 13.50
CA TRP A 181 -16.86 -0.22 12.95
C TRP A 181 -18.08 -0.11 12.04
N ARG A 182 -18.65 1.09 11.98
CA ARG A 182 -19.79 1.37 11.12
C ARG A 182 -19.45 1.11 9.65
N GLY A 183 -20.45 0.73 8.87
CA GLY A 183 -20.26 0.41 7.45
C GLY A 183 -19.65 1.51 6.59
N ALA A 184 -19.37 2.67 7.20
CA ALA A 184 -18.78 3.81 6.50
C ALA A 184 -17.34 3.55 6.06
N PHE A 185 -16.64 2.65 6.76
CA PHE A 185 -15.27 2.32 6.43
C PHE A 185 -15.17 1.12 5.49
N ASP A 186 -16.32 0.58 5.09
CA ASP A 186 -16.36 -0.56 4.17
C ASP A 186 -15.93 -0.14 2.78
N TYR A 187 -15.44 -1.10 2.00
CA TYR A 187 -15.14 -0.87 0.59
C TYR A 187 -15.08 -2.14 -0.24
N TRP A 188 -15.36 -1.97 -1.53
CA TRP A 188 -15.12 -3.03 -2.50
C TRP A 188 -13.71 -2.90 -3.03
N CYS A 189 -13.04 -4.04 -3.20
CA CYS A 189 -11.75 -4.05 -3.88
C CYS A 189 -11.61 -5.32 -4.69
N ASN A 190 -10.67 -5.30 -5.63
CA ASN A 190 -10.35 -6.49 -6.41
C ASN A 190 -9.66 -7.51 -5.50
N TYR A 191 -9.84 -8.80 -5.76
CA TYR A 191 -9.19 -9.83 -4.92
C TYR A 191 -7.65 -9.72 -4.98
N ARG A 192 -7.16 -9.03 -6.01
CA ARG A 192 -5.73 -8.78 -6.22
C ARG A 192 -5.19 -7.56 -5.45
N SER A 193 -6.04 -6.89 -4.67
CA SER A 193 -5.64 -5.69 -3.93
C SER A 193 -4.37 -5.91 -3.12
N ARG A 194 -3.46 -4.93 -3.16
CA ARG A 194 -2.28 -4.93 -2.31
C ARG A 194 -2.61 -4.42 -0.90
N ASP A 195 -3.85 -3.95 -0.68
CA ASP A 195 -4.29 -3.36 0.58
C ASP A 195 -4.93 -4.37 1.55
N ILE A 196 -4.90 -5.64 1.17
CA ILE A 196 -5.42 -6.73 2.02
C ILE A 196 -4.37 -7.80 2.26
N PHE A 197 -4.41 -8.41 3.46
CA PHE A 197 -3.37 -9.33 3.93
C PHE A 197 -3.97 -10.49 4.72
N PRO A 198 -3.32 -11.68 4.68
CA PRO A 198 -3.83 -12.78 5.50
C PRO A 198 -3.66 -12.48 6.98
N ALA A 199 -4.52 -13.07 7.82
CA ALA A 199 -4.43 -12.89 9.26
C ALA A 199 -3.04 -13.31 9.76
N GLY A 200 -2.42 -12.45 10.56
CA GLY A 200 -1.09 -12.72 11.11
C GLY A 200 0.05 -12.08 10.35
N TRP A 201 -0.26 -11.48 9.20
CA TRP A 201 0.74 -10.87 8.33
C TRP A 201 1.39 -9.64 8.97
N CYS A 202 0.58 -8.77 9.56
CA CYS A 202 1.12 -7.58 10.23
C CYS A 202 2.10 -7.92 11.34
N ALA A 203 1.75 -8.90 12.19
CA ALA A 203 2.61 -9.32 13.29
C ALA A 203 3.94 -9.85 12.76
N ARG A 204 3.89 -10.46 11.59
CA ARG A 204 5.06 -11.06 10.96
C ARG A 204 5.93 -9.99 10.29
N SER A 205 5.31 -8.87 9.94
CA SER A 205 6.00 -7.79 9.25
C SER A 205 6.37 -6.61 10.16
N CYS A 206 6.01 -6.72 11.44
CA CYS A 206 6.21 -5.65 12.44
C CYS A 206 5.43 -4.36 12.12
N HIS A 207 4.19 -4.55 11.71
CA HIS A 207 3.28 -3.46 11.45
C HIS A 207 2.17 -3.59 12.51
N PRO A 208 1.76 -2.47 13.14
CA PRO A 208 0.61 -2.52 14.05
C PRO A 208 -0.65 -3.03 13.35
N MET A 209 -1.50 -3.71 14.11
CA MET A 209 -2.70 -4.32 13.59
C MET A 209 -3.84 -3.99 14.53
N GLN A 210 -4.79 -3.21 14.03
CA GLN A 210 -5.88 -2.72 14.86
C GLN A 210 -6.89 -3.82 15.20
N PRO A 211 -7.19 -3.98 16.51
CA PRO A 211 -8.28 -4.87 16.94
C PRO A 211 -9.65 -4.30 16.51
N PRO A 212 -10.73 -5.10 16.59
CA PRO A 212 -12.06 -4.57 16.27
C PRO A 212 -12.39 -3.26 17.00
N GLY A 213 -13.24 -2.43 16.39
CA GLY A 213 -13.75 -1.23 17.05
C GLY A 213 -14.68 -1.56 18.20
N HIS A 214 -14.97 -0.56 19.03
CA HIS A 214 -15.81 -0.75 20.22
C HIS A 214 -17.28 -0.39 20.01
N LYS A 215 -17.77 -0.58 18.78
CA LYS A 215 -19.17 -0.30 18.47
C LYS A 215 -19.99 -1.56 18.24
#